data_3W6H
#
_entry.id   3W6H
#
_cell.length_a   62.039
_cell.length_b   65.280
_cell.length_c   120.485
_cell.angle_alpha   90.00
_cell.angle_beta   90.00
_cell.angle_gamma   90.00
#
_symmetry.space_group_name_H-M   'P 21 21 21'
#
loop_
_entity.id
_entity.type
_entity.pdbx_description
1 polymer 'Carbonic anhydrase 1'
2 non-polymer 1-(2-ethoxyethoxy)-3,5-bis(trifluoromethyl)benzene
3 non-polymer 'ZINC ION'
4 non-polymer 5-ACETAMIDO-1,3,4-THIADIAZOLE-2-SULFONAMIDE
#
_entity_poly.entity_id   1
_entity_poly.type   'polypeptide(L)'
_entity_poly.pdbx_seq_one_letter_code
;ASPDWGYDDKNGPEQWSKLYPIANGNNQSPVDIKTSETKHDTSLKPISVSYNPATAKEIINVGHSFHVNFEDNDNRSVLK
GGPFSDSYRLFQFHFHWGSTNEHGSEHTVDGVKYSAELHVAHWNSAKYSSLAEAASKADGLAVIGVLMKVGEANPKLQKV
LDALQAIKTKGKRAPFTNFDPSTLLPSSLDFWTYPGSLTHPPLYESVTWIICKESISVSSEQLAQFRSLLSNVEGDNAVP
MQHNNRPTQPLKGRTVRASF
;
_entity_poly.pdbx_strand_id   A,B
#
loop_
_chem_comp.id
_chem_comp.type
_chem_comp.name
_chem_comp.formula
AZM non-polymer 5-ACETAMIDO-1,3,4-THIADIAZOLE-2-SULFONAMIDE 'C4 H6 N4 O3 S2'
FLB non-polymer 1-(2-ethoxyethoxy)-3,5-bis(trifluoromethyl)benzene 'C12 H12 F6 O2'
ZN non-polymer 'ZINC ION' 'Zn 2'
#
# COMPACT_ATOMS: atom_id res chain seq x y z
N TRP A 5 -3.87 9.12 13.98
CA TRP A 5 -4.14 8.04 14.94
C TRP A 5 -2.92 7.68 15.82
N GLY A 6 -3.17 7.00 16.94
CA GLY A 6 -2.09 6.51 17.79
C GLY A 6 -2.55 5.59 18.93
N TYR A 7 -1.67 5.38 19.91
CA TYR A 7 -1.99 4.54 21.06
C TYR A 7 -2.19 5.36 22.33
N ASP A 8 -2.10 6.68 22.19
CA ASP A 8 -2.38 7.58 23.31
C ASP A 8 -3.87 7.60 23.60
N ASP A 9 -4.25 8.17 24.74
CA ASP A 9 -5.64 8.18 25.18
C ASP A 9 -6.54 9.09 24.34
N LYS A 10 -5.94 10.02 23.62
CA LYS A 10 -6.70 10.99 22.84
C LYS A 10 -6.83 10.62 21.37
N ASN A 11 -6.23 9.49 20.98
CA ASN A 11 -6.14 9.08 19.59
C ASN A 11 -6.02 7.57 19.48
N GLY A 12 -6.30 6.89 20.59
CA GLY A 12 -6.08 5.46 20.69
C GLY A 12 -7.11 4.54 20.07
N PRO A 13 -7.01 3.23 20.37
CA PRO A 13 -7.92 2.19 19.90
C PRO A 13 -9.40 2.56 20.08
N GLU A 14 -9.67 3.36 21.11
CA GLU A 14 -11.04 3.73 21.45
C GLU A 14 -11.61 4.80 20.54
N GLN A 15 -10.73 5.60 19.93
CA GLN A 15 -11.15 6.67 19.04
C GLN A 15 -10.94 6.29 17.59
N TRP A 16 -10.59 5.04 17.36
CA TRP A 16 -10.25 4.58 16.02
C TRP A 16 -11.49 4.45 15.13
N SER A 17 -12.60 4.10 15.78
CA SER A 17 -13.89 3.81 15.13
C SER A 17 -14.58 5.04 14.65
N LYS A 18 -14.59 6.00 15.56
CA LYS A 18 -14.99 7.37 15.28
C LYS A 18 -13.94 8.00 14.37
N LEU A 19 -13.30 7.18 13.52
CA LEU A 19 -12.26 7.64 12.59
C LEU A 19 -12.12 6.71 11.34
N TYR A 20 -11.82 5.42 11.59
CA TYR A 20 -11.92 4.24 10.74
C TYR A 20 -13.07 3.43 11.34
N PRO A 21 -14.20 3.34 10.63
CA PRO A 21 -15.43 2.73 11.18
C PRO A 21 -15.42 1.20 11.14
N ILE A 22 -14.49 0.62 10.38
CA ILE A 22 -14.37 -0.84 10.32
C ILE A 22 -13.94 -1.47 11.66
N ALA A 23 -13.37 -0.64 12.53
CA ALA A 23 -12.87 -1.11 13.83
C ALA A 23 -13.97 -1.77 14.65
N ASN A 24 -15.22 -1.53 14.27
CA ASN A 24 -16.35 -2.21 14.89
C ASN A 24 -16.93 -3.23 13.91
N GLY A 25 -16.11 -3.61 12.94
CA GLY A 25 -16.46 -4.61 11.95
C GLY A 25 -16.54 -6.00 12.54
N ASN A 26 -16.53 -7.01 11.66
CA ASN A 26 -16.81 -8.39 12.08
C ASN A 26 -15.57 -9.29 12.11
N ASN A 27 -14.43 -8.75 11.69
CA ASN A 27 -13.22 -9.54 11.47
C ASN A 27 -12.02 -8.85 12.08
N GLN A 28 -12.18 -8.37 13.30
CA GLN A 28 -11.11 -7.59 13.92
C GLN A 28 -10.11 -8.44 14.67
N SER A 29 -8.84 -8.09 14.50
CA SER A 29 -7.75 -8.67 15.28
C SER A 29 -7.13 -7.58 16.19
N PRO A 30 -6.47 -7.98 17.29
CA PRO A 30 -6.27 -9.36 17.78
C PRO A 30 -7.51 -9.89 18.48
N VAL A 31 -7.47 -11.18 18.85
CA VAL A 31 -8.57 -11.83 19.57
C VAL A 31 -8.03 -12.75 20.65
N ASP A 32 -8.90 -13.15 21.58
CA ASP A 32 -8.53 -14.18 22.55
C ASP A 32 -8.81 -15.55 21.95
N ILE A 33 -7.78 -16.39 21.94
CA ILE A 33 -7.95 -17.79 21.52
C ILE A 33 -8.37 -18.66 22.71
N LYS A 34 -9.63 -19.09 22.73
CA LYS A 34 -10.09 -20.02 23.77
C LYS A 34 -9.87 -21.44 23.24
N THR A 35 -8.97 -22.17 23.90
CA THR A 35 -8.53 -23.48 23.40
C THR A 35 -9.60 -24.57 23.45
N SER A 36 -10.41 -24.59 24.51
CA SER A 36 -11.50 -25.56 24.60
C SER A 36 -12.41 -25.48 23.39
N GLU A 37 -12.25 -24.40 22.61
CA GLU A 37 -13.21 -24.07 21.54
C GLU A 37 -12.62 -24.03 20.12
N THR A 38 -11.32 -24.33 20.02
CA THR A 38 -10.66 -24.44 18.72
C THR A 38 -11.08 -25.73 18.00
N LYS A 39 -10.76 -25.81 16.72
CA LYS A 39 -11.15 -26.96 15.91
C LYS A 39 -9.95 -27.47 15.11
N HIS A 40 -9.59 -28.74 15.30
CA HIS A 40 -8.51 -29.32 14.50
C HIS A 40 -9.06 -29.49 13.09
N ASP A 41 -8.48 -28.77 12.15
CA ASP A 41 -8.88 -28.91 10.78
C ASP A 41 -7.82 -29.72 10.05
N THR A 42 -8.30 -30.69 9.28
CA THR A 42 -7.45 -31.74 8.75
C THR A 42 -6.75 -31.32 7.44
N SER A 43 -7.30 -30.29 6.79
CA SER A 43 -6.75 -29.79 5.52
C SER A 43 -5.58 -28.86 5.76
N LEU A 44 -5.30 -28.57 7.04
CA LEU A 44 -4.18 -27.71 7.38
C LEU A 44 -2.86 -28.43 7.27
N LYS A 45 -2.10 -28.13 6.21
CA LYS A 45 -0.72 -28.62 6.10
C LYS A 45 0.09 -27.85 7.13
N PRO A 46 1.32 -28.30 7.41
CA PRO A 46 2.21 -27.50 8.24
C PRO A 46 2.48 -26.18 7.55
N ILE A 47 3.25 -25.31 8.19
CA ILE A 47 3.72 -24.09 7.54
C ILE A 47 5.21 -24.17 7.24
N SER A 48 5.56 -23.86 6.00
CA SER A 48 6.94 -23.86 5.55
C SER A 48 7.38 -22.40 5.38
N VAL A 49 8.47 -22.03 6.04
CA VAL A 49 9.05 -20.71 5.84
C VAL A 49 10.41 -20.80 5.16
N SER A 50 10.50 -20.18 3.97
CA SER A 50 11.73 -20.20 3.21
C SER A 50 12.19 -18.75 2.95
N TYR A 51 12.85 -18.13 3.92
CA TYR A 51 13.30 -16.74 3.75
C TYR A 51 14.74 -16.67 3.25
N ASN A 52 15.07 -15.55 2.60
CA ASN A 52 16.44 -15.32 2.17
C ASN A 52 17.07 -14.14 2.90
N PRO A 53 18.23 -14.38 3.54
CA PRO A 53 18.86 -13.37 4.40
C PRO A 53 19.15 -12.08 3.64
N ALA A 54 19.27 -12.19 2.32
CA ALA A 54 19.74 -11.09 1.50
C ALA A 54 18.60 -10.24 0.92
N THR A 55 17.37 -10.54 1.35
CA THR A 55 16.21 -9.69 1.01
C THR A 55 16.04 -8.65 2.12
N ALA A 56 16.72 -8.90 3.24
CA ALA A 56 16.80 -7.93 4.34
C ALA A 56 17.34 -6.58 3.85
N LYS A 57 16.48 -5.56 3.92
CA LYS A 57 16.77 -4.23 3.36
C LYS A 57 17.19 -3.20 4.41
N GLU A 58 16.26 -2.85 5.30
CA GLU A 58 16.45 -1.73 6.22
C GLU A 58 15.55 -1.84 7.46
N ILE A 59 15.93 -1.10 8.51
CA ILE A 59 15.08 -0.92 9.68
C ILE A 59 14.70 0.55 9.79
N ILE A 60 13.47 0.84 10.20
CA ILE A 60 12.95 2.22 10.18
C ILE A 60 11.91 2.50 11.28
N ASN A 61 11.96 3.71 11.81
CA ASN A 61 11.12 4.06 12.94
C ASN A 61 9.85 4.81 12.51
N VAL A 62 8.70 4.16 12.65
CA VAL A 62 7.45 4.71 12.13
C VAL A 62 6.63 5.42 13.21
N GLY A 63 7.27 5.68 14.37
CA GLY A 63 6.68 6.53 15.39
C GLY A 63 5.81 5.88 16.44
N HIS A 64 5.10 4.81 16.06
CA HIS A 64 4.26 4.09 17.00
C HIS A 64 4.94 2.76 17.25
N SER A 65 5.87 2.45 16.34
CA SER A 65 6.64 1.21 16.40
C SER A 65 7.83 1.39 15.49
N PHE A 66 8.54 0.29 15.23
CA PHE A 66 9.57 0.24 14.19
C PHE A 66 9.33 -1.01 13.35
N HIS A 67 9.81 -0.98 12.11
CA HIS A 67 9.67 -2.10 11.21
C HIS A 67 11.02 -2.49 10.67
N VAL A 68 11.14 -3.78 10.38
CA VAL A 68 12.26 -4.30 9.61
C VAL A 68 11.69 -4.67 8.25
N ASN A 69 12.28 -4.12 7.20
CA ASN A 69 11.72 -4.29 5.86
C ASN A 69 12.50 -5.21 4.93
N PHE A 70 11.79 -5.90 4.03
CA PHE A 70 12.41 -6.84 3.10
C PHE A 70 12.08 -6.55 1.63
N GLU A 71 12.94 -7.02 0.73
CA GLU A 71 12.70 -6.89 -0.71
C GLU A 71 11.67 -7.91 -1.21
N ASP A 72 10.65 -7.40 -1.89
CA ASP A 72 9.46 -8.16 -2.23
C ASP A 72 9.06 -8.01 -3.70
N ASN A 73 10.02 -8.29 -4.59
CA ASN A 73 9.76 -8.21 -6.04
C ASN A 73 9.96 -9.56 -6.76
N ASP A 74 10.37 -10.58 -5.99
CA ASP A 74 10.26 -11.97 -6.41
C ASP A 74 9.95 -12.82 -5.19
N ASN A 75 9.58 -14.08 -5.41
CA ASN A 75 9.33 -14.99 -4.30
C ASN A 75 10.61 -15.58 -3.73
N ARG A 76 11.56 -14.71 -3.36
CA ARG A 76 12.81 -15.16 -2.73
C ARG A 76 12.59 -15.60 -1.29
N SER A 77 11.70 -14.88 -0.60
CA SER A 77 11.29 -15.23 0.76
C SER A 77 9.79 -15.50 0.80
N VAL A 78 9.44 -16.77 1.01
CA VAL A 78 8.05 -17.17 0.93
C VAL A 78 7.49 -17.74 2.23
N LEU A 79 6.19 -17.57 2.40
CA LEU A 79 5.45 -18.34 3.36
C LEU A 79 4.59 -19.29 2.57
N LYS A 80 4.85 -20.57 2.74
CA LYS A 80 4.03 -21.60 2.08
C LYS A 80 3.50 -22.52 3.17
N GLY A 81 2.41 -23.22 2.87
CA GLY A 81 1.87 -24.23 3.78
C GLY A 81 0.57 -23.80 4.45
N GLY A 82 0.32 -24.40 5.61
CA GLY A 82 -0.85 -24.08 6.40
C GLY A 82 -2.12 -24.15 5.58
N PRO A 83 -2.99 -23.15 5.73
CA PRO A 83 -4.29 -23.02 5.04
C PRO A 83 -4.17 -22.43 3.63
N PHE A 84 -2.93 -22.24 3.18
CA PHE A 84 -2.66 -21.52 1.95
C PHE A 84 -2.37 -22.42 0.77
N SER A 85 -3.22 -22.28 -0.25
CA SER A 85 -2.98 -22.85 -1.56
C SER A 85 -1.78 -22.13 -2.20
N ASP A 86 -1.75 -20.81 -2.03
CA ASP A 86 -0.75 -19.97 -2.65
C ASP A 86 0.48 -19.73 -1.78
N SER A 87 1.56 -19.31 -2.42
CA SER A 87 2.74 -18.85 -1.70
C SER A 87 2.62 -17.34 -1.38
N TYR A 88 2.95 -16.98 -0.13
CA TYR A 88 2.92 -15.60 0.31
C TYR A 88 4.33 -15.03 0.45
N ARG A 89 4.46 -13.74 0.13
CA ARG A 89 5.77 -13.11 0.09
C ARG A 89 6.07 -12.22 1.31
N LEU A 90 7.19 -12.53 1.98
CA LEU A 90 7.67 -11.73 3.12
C LEU A 90 8.06 -10.30 2.70
N PHE A 91 7.58 -9.30 3.45
CA PHE A 91 7.91 -7.91 3.14
C PHE A 91 8.25 -7.09 4.40
N GLN A 92 7.92 -7.62 5.58
CA GLN A 92 8.12 -6.85 6.81
C GLN A 92 7.94 -7.75 8.02
N PHE A 93 8.63 -7.40 9.09
CA PHE A 93 8.27 -7.90 10.42
C PHE A 93 8.51 -6.81 11.47
N HIS A 94 7.82 -6.93 12.60
CA HIS A 94 7.80 -5.88 13.61
C HIS A 94 7.27 -6.44 14.94
N PHE A 95 7.15 -5.57 15.96
CA PHE A 95 6.73 -6.03 17.29
C PHE A 95 5.62 -5.22 17.93
N HIS A 96 5.11 -5.76 19.05
CA HIS A 96 4.13 -5.09 19.89
C HIS A 96 4.46 -5.25 21.36
N TRP A 97 4.23 -4.21 22.12
CA TRP A 97 4.52 -4.27 23.53
C TRP A 97 3.60 -3.37 24.38
N GLY A 98 3.80 -3.41 25.69
CA GLY A 98 2.97 -2.64 26.60
C GLY A 98 3.70 -1.80 27.63
N SER A 99 2.91 -1.10 28.43
CA SER A 99 3.38 -0.24 29.51
C SER A 99 4.29 -1.01 30.47
N THR A 100 3.86 -2.21 30.85
CA THR A 100 4.69 -3.08 31.70
C THR A 100 4.98 -4.45 31.07
N ASN A 101 5.42 -5.38 31.91
CA ASN A 101 5.84 -6.70 31.46
C ASN A 101 4.69 -7.72 31.36
N GLU A 102 3.52 -7.34 31.84
CA GLU A 102 2.46 -8.32 32.00
C GLU A 102 1.38 -8.26 30.92
N HIS A 103 1.61 -7.40 29.93
CA HIS A 103 0.66 -7.23 28.81
C HIS A 103 1.20 -6.30 27.73
N GLY A 104 1.99 -6.86 26.83
CA GLY A 104 2.44 -6.14 25.65
C GLY A 104 1.93 -6.82 24.38
N SER A 105 1.45 -8.06 24.53
CA SER A 105 1.00 -8.84 23.39
C SER A 105 -0.37 -8.34 22.96
N GLU A 106 -0.73 -8.60 21.71
CA GLU A 106 -2.03 -8.22 21.19
C GLU A 106 -3.01 -9.37 21.32
N HIS A 107 -2.61 -10.56 20.89
CA HIS A 107 -3.41 -11.75 21.11
C HIS A 107 -3.23 -12.30 22.51
N THR A 108 -4.33 -12.77 23.09
CA THR A 108 -4.26 -13.53 24.33
C THR A 108 -4.69 -14.95 24.04
N VAL A 109 -4.16 -15.90 24.80
CA VAL A 109 -4.69 -17.27 24.75
C VAL A 109 -5.29 -17.66 26.09
N ASP A 110 -6.58 -17.97 26.09
CA ASP A 110 -7.22 -18.35 27.32
C ASP A 110 -7.10 -17.21 28.33
N GLY A 111 -7.20 -15.98 27.83
CA GLY A 111 -7.17 -14.79 28.67
C GLY A 111 -5.80 -14.42 29.20
N VAL A 112 -4.80 -15.24 28.91
CA VAL A 112 -3.42 -14.96 29.29
C VAL A 112 -2.74 -13.97 28.32
N LYS A 113 -2.41 -12.78 28.82
CA LYS A 113 -1.73 -11.76 28.04
C LYS A 113 -0.22 -11.93 28.19
N TYR A 114 0.53 -11.75 27.11
CA TYR A 114 1.98 -11.86 27.18
C TYR A 114 2.68 -10.51 27.13
N SER A 115 4.00 -10.52 27.34
CA SER A 115 4.81 -9.29 27.48
C SER A 115 4.95 -8.50 26.17
N ALA A 116 4.95 -9.23 25.05
CA ALA A 116 5.09 -8.66 23.71
C ALA A 116 4.60 -9.65 22.65
N GLU A 117 4.70 -9.24 21.39
CA GLU A 117 4.26 -10.11 20.31
C GLU A 117 5.05 -9.80 19.05
N LEU A 118 5.43 -10.86 18.36
CA LEU A 118 6.14 -10.76 17.11
C LEU A 118 5.16 -10.94 15.94
N HIS A 119 5.20 -10.01 14.99
CA HIS A 119 4.42 -10.12 13.74
C HIS A 119 5.29 -10.18 12.47
N VAL A 120 5.05 -11.19 11.64
CA VAL A 120 5.82 -11.41 10.42
C VAL A 120 4.87 -11.40 9.21
N ALA A 121 4.97 -10.34 8.40
CA ALA A 121 3.94 -10.04 7.41
C ALA A 121 4.25 -10.46 5.97
N HIS A 122 3.28 -11.12 5.34
CA HIS A 122 3.38 -11.53 3.93
C HIS A 122 2.16 -11.08 3.15
N TRP A 123 2.32 -10.92 1.84
CA TRP A 123 1.17 -10.62 1.00
C TRP A 123 1.06 -11.66 -0.12
N ASN A 124 -0.12 -11.72 -0.74
CA ASN A 124 -0.39 -12.71 -1.78
C ASN A 124 0.32 -12.36 -3.08
N SER A 125 1.57 -12.82 -3.21
CA SER A 125 2.39 -12.50 -4.37
C SER A 125 1.74 -13.05 -5.62
N ALA A 126 0.88 -14.04 -5.45
CA ALA A 126 0.48 -14.90 -6.56
C ALA A 126 -0.98 -14.73 -7.01
N LYS A 127 -1.81 -14.03 -6.24
CA LYS A 127 -3.14 -13.67 -6.74
C LYS A 127 -3.12 -12.18 -7.11
N TYR A 128 -2.30 -11.42 -6.40
CA TYR A 128 -2.16 -10.00 -6.67
C TYR A 128 -0.73 -9.64 -7.06
N SER A 129 -0.60 -8.51 -7.73
CA SER A 129 0.62 -8.12 -8.41
C SER A 129 1.41 -7.09 -7.58
N SER A 130 0.73 -6.50 -6.61
CA SER A 130 1.37 -5.53 -5.72
C SER A 130 0.77 -5.65 -4.33
N LEU A 131 1.48 -5.13 -3.35
CA LEU A 131 1.04 -5.17 -1.97
C LEU A 131 -0.01 -4.10 -1.61
N ALA A 132 -0.12 -3.08 -2.47
CA ALA A 132 -1.17 -2.07 -2.30
C ALA A 132 -2.48 -2.62 -2.85
N GLU A 133 -2.37 -3.46 -3.86
CA GLU A 133 -3.52 -4.16 -4.38
C GLU A 133 -3.96 -5.19 -3.33
N ALA A 134 -2.98 -5.78 -2.66
CA ALA A 134 -3.17 -6.92 -1.75
C ALA A 134 -3.72 -6.51 -0.39
N ALA A 135 -3.34 -5.32 0.06
CA ALA A 135 -3.71 -4.82 1.38
C ALA A 135 -5.22 -4.84 1.72
N SER A 136 -6.06 -4.46 0.76
CA SER A 136 -7.50 -4.35 0.99
C SER A 136 -8.20 -5.72 0.85
N LYS A 137 -7.46 -6.69 0.30
CA LYS A 137 -8.01 -8.01 -0.07
C LYS A 137 -8.10 -8.99 1.11
N ALA A 138 -9.27 -9.59 1.28
CA ALA A 138 -9.52 -10.53 2.37
C ALA A 138 -8.47 -11.66 2.39
N ASP A 139 -8.02 -12.02 1.20
CA ASP A 139 -7.09 -13.13 0.99
C ASP A 139 -5.72 -12.60 0.58
N GLY A 140 -5.48 -11.32 0.83
CA GLY A 140 -4.26 -10.64 0.40
C GLY A 140 -3.05 -10.74 1.33
N LEU A 141 -3.28 -10.64 2.64
CA LEU A 141 -2.21 -10.69 3.64
C LEU A 141 -2.23 -11.92 4.54
N ALA A 142 -1.04 -12.32 5.01
CA ALA A 142 -0.88 -13.40 5.99
C ALA A 142 0.17 -13.01 7.03
N VAL A 143 -0.24 -12.90 8.28
CA VAL A 143 0.71 -12.55 9.34
C VAL A 143 0.93 -13.66 10.37
N ILE A 144 2.19 -13.94 10.66
CA ILE A 144 2.48 -14.92 11.69
C ILE A 144 2.61 -14.17 12.99
N GLY A 145 1.94 -14.70 14.02
CA GLY A 145 1.99 -14.09 15.33
C GLY A 145 2.76 -14.99 16.27
N VAL A 146 3.77 -14.43 16.94
CA VAL A 146 4.53 -15.18 17.94
C VAL A 146 4.48 -14.50 19.30
N LEU A 147 3.84 -15.18 20.27
CA LEU A 147 3.74 -14.63 21.62
C LEU A 147 5.14 -14.51 22.22
N MET A 148 5.32 -13.51 23.07
CA MET A 148 6.61 -13.28 23.72
C MET A 148 6.49 -13.33 25.23
N LYS A 149 7.24 -14.26 25.81
CA LYS A 149 7.14 -14.58 27.23
C LYS A 149 8.37 -14.06 28.00
N VAL A 150 8.12 -13.13 28.93
CA VAL A 150 9.22 -12.53 29.69
C VAL A 150 10.04 -13.56 30.49
N GLY A 151 11.33 -13.66 30.16
CA GLY A 151 12.27 -14.58 30.80
C GLY A 151 13.71 -14.28 30.42
N GLU A 152 14.39 -15.26 29.83
CA GLU A 152 15.78 -15.08 29.41
C GLU A 152 15.94 -14.08 28.27
N ALA A 153 17.09 -13.42 28.23
CA ALA A 153 17.42 -12.66 27.03
C ALA A 153 17.38 -13.60 25.83
N ASN A 154 16.57 -13.25 24.84
CA ASN A 154 16.63 -13.89 23.53
C ASN A 154 17.88 -13.40 22.77
N PRO A 155 18.74 -14.33 22.37
CA PRO A 155 19.93 -14.05 21.54
C PRO A 155 19.57 -13.45 20.17
N LYS A 156 18.61 -14.05 19.47
CA LYS A 156 18.31 -13.61 18.11
C LYS A 156 17.54 -12.27 18.05
N LEU A 157 17.03 -11.83 19.20
CA LEU A 157 16.50 -10.46 19.34
C LEU A 157 17.63 -9.46 19.20
N GLN A 158 18.70 -9.70 19.94
CA GLN A 158 19.82 -8.78 20.01
C GLN A 158 20.24 -8.16 18.68
N LYS A 159 20.41 -8.99 17.65
CA LYS A 159 20.89 -8.50 16.34
C LYS A 159 19.97 -7.41 15.79
N VAL A 160 18.72 -7.37 16.24
CA VAL A 160 17.81 -6.30 15.83
C VAL A 160 17.70 -5.20 16.89
N LEU A 161 17.71 -5.59 18.15
CA LEU A 161 17.77 -4.61 19.23
C LEU A 161 19.03 -3.75 19.15
N ASP A 162 20.11 -4.32 18.61
CA ASP A 162 21.37 -3.58 18.52
C ASP A 162 21.29 -2.45 17.51
N ALA A 163 20.17 -2.42 16.77
CA ALA A 163 20.05 -1.57 15.60
C ALA A 163 19.15 -0.34 15.80
N LEU A 164 18.59 -0.20 17.00
CA LEU A 164 17.61 0.85 17.26
C LEU A 164 18.27 2.15 17.71
N GLN A 165 19.56 2.07 18.02
CA GLN A 165 20.38 3.25 18.28
C GLN A 165 20.30 4.21 17.10
N ALA A 166 20.09 3.63 15.92
CA ALA A 166 20.21 4.33 14.66
C ALA A 166 18.85 4.71 14.09
N ILE A 167 17.78 4.36 14.80
CA ILE A 167 16.44 4.78 14.41
C ILE A 167 15.64 5.24 15.62
N LYS A 168 16.29 6.02 16.49
CA LYS A 168 15.71 6.44 17.76
C LYS A 168 14.50 7.37 17.61
N THR A 169 14.54 8.25 16.61
CA THR A 169 13.44 9.19 16.42
C THR A 169 12.54 8.84 15.24
N LYS A 170 11.31 9.37 15.31
CA LYS A 170 10.29 9.11 14.30
C LYS A 170 10.72 9.52 12.89
N GLY A 171 10.84 8.53 12.01
CA GLY A 171 11.23 8.76 10.63
C GLY A 171 12.65 8.32 10.38
N LYS A 172 13.43 8.26 11.45
CA LYS A 172 14.80 7.82 11.38
C LYS A 172 14.87 6.41 10.76
N ARG A 173 15.85 6.21 9.88
CA ARG A 173 15.92 5.01 9.07
C ARG A 173 17.37 4.52 8.89
N ALA A 174 17.55 3.20 8.90
CA ALA A 174 18.87 2.60 8.80
C ALA A 174 18.83 1.32 7.97
N PRO A 175 19.93 1.02 7.26
CA PRO A 175 20.03 -0.20 6.45
C PRO A 175 20.15 -1.42 7.36
N PHE A 176 19.50 -2.52 6.97
CA PHE A 176 19.49 -3.74 7.78
C PHE A 176 19.59 -4.96 6.87
N THR A 177 20.74 -5.62 6.89
CA THR A 177 21.06 -6.63 5.89
C THR A 177 21.47 -7.98 6.49
N ASN A 178 21.33 -9.02 5.67
CA ASN A 178 21.63 -10.38 6.07
C ASN A 178 20.87 -10.72 7.34
N PHE A 179 19.58 -11.02 7.18
CA PHE A 179 18.78 -11.51 8.29
C PHE A 179 17.74 -12.56 7.85
N ASP A 180 17.76 -13.69 8.55
CA ASP A 180 16.70 -14.68 8.38
C ASP A 180 15.76 -14.56 9.57
N PRO A 181 14.60 -13.92 9.36
CA PRO A 181 13.65 -13.73 10.46
C PRO A 181 13.01 -15.07 10.90
N SER A 182 13.22 -16.12 10.10
CA SER A 182 12.83 -17.46 10.54
C SER A 182 13.54 -17.84 11.85
N THR A 183 14.71 -17.24 12.08
CA THR A 183 15.49 -17.46 13.30
C THR A 183 14.75 -17.02 14.56
N LEU A 184 13.75 -16.17 14.35
CA LEU A 184 12.96 -15.65 15.46
C LEU A 184 11.80 -16.59 15.89
N LEU A 185 11.45 -17.54 15.03
CA LEU A 185 10.32 -18.45 15.27
C LEU A 185 10.66 -19.55 16.29
N PRO A 186 9.64 -20.03 17.03
CA PRO A 186 9.77 -21.15 17.98
C PRO A 186 10.22 -22.46 17.30
N SER A 187 10.59 -23.47 18.10
CA SER A 187 10.99 -24.77 17.56
C SER A 187 9.80 -25.43 16.84
N SER A 188 8.61 -25.33 17.43
CA SER A 188 7.42 -25.85 16.78
C SER A 188 6.63 -24.74 16.11
N LEU A 189 6.12 -25.03 14.90
CA LEU A 189 5.24 -24.10 14.22
C LEU A 189 3.80 -24.63 14.22
N ASP A 190 3.50 -25.44 15.22
CA ASP A 190 2.13 -25.77 15.55
C ASP A 190 1.44 -24.45 15.79
N PHE A 191 0.23 -24.30 15.24
CA PHE A 191 -0.38 -22.98 15.20
C PHE A 191 -1.90 -23.00 15.20
N TRP A 192 -2.50 -21.83 15.44
CA TRP A 192 -3.91 -21.58 15.14
C TRP A 192 -4.01 -20.63 13.96
N THR A 193 -5.16 -20.62 13.33
CA THR A 193 -5.48 -19.65 12.30
C THR A 193 -6.94 -19.26 12.38
N TYR A 194 -7.22 -17.98 12.15
CA TYR A 194 -8.57 -17.46 12.01
C TYR A 194 -8.48 -16.32 11.01
N PRO A 195 -9.61 -16.00 10.35
CA PRO A 195 -9.70 -14.82 9.46
C PRO A 195 -9.77 -13.54 10.30
N GLY A 196 -8.95 -12.53 9.99
CA GLY A 196 -8.93 -11.32 10.79
C GLY A 196 -8.48 -10.06 10.06
N SER A 197 -8.18 -9.03 10.84
CA SER A 197 -7.78 -7.73 10.26
C SER A 197 -6.32 -7.39 10.55
N LEU A 198 -5.91 -6.21 10.11
CA LEU A 198 -4.72 -5.51 10.59
C LEU A 198 -5.08 -4.92 11.96
N THR A 199 -4.11 -4.89 12.87
CA THR A 199 -4.44 -4.59 14.27
C THR A 199 -4.45 -3.09 14.60
N HIS A 200 -3.65 -2.32 13.86
CA HIS A 200 -3.80 -0.86 13.87
C HIS A 200 -4.26 -0.40 12.48
N PRO A 201 -4.70 0.87 12.37
CA PRO A 201 -5.06 1.49 11.09
C PRO A 201 -3.99 1.27 10.01
N PRO A 202 -4.45 1.07 8.74
CA PRO A 202 -5.85 1.24 8.29
C PRO A 202 -6.86 0.15 8.74
N LEU A 203 -6.43 -0.84 9.51
CA LEU A 203 -7.35 -1.83 10.08
C LEU A 203 -8.03 -2.82 9.10
N TYR A 204 -7.51 -2.91 7.87
CA TYR A 204 -8.12 -3.75 6.82
C TYR A 204 -8.41 -5.17 7.31
N GLU A 205 -9.67 -5.60 7.20
CA GLU A 205 -10.05 -6.98 7.48
C GLU A 205 -9.53 -7.90 6.36
N SER A 206 -8.21 -7.91 6.18
CA SER A 206 -7.55 -8.60 5.09
C SER A 206 -6.44 -9.56 5.53
N VAL A 207 -6.35 -9.87 6.83
CA VAL A 207 -5.28 -10.73 7.35
C VAL A 207 -5.67 -12.19 7.74
N THR A 208 -5.03 -13.16 7.10
CA THR A 208 -5.16 -14.54 7.55
C THR A 208 -4.08 -14.75 8.60
N TRP A 209 -4.53 -15.01 9.82
CA TRP A 209 -3.63 -15.05 10.96
C TRP A 209 -3.02 -16.43 11.27
N ILE A 210 -1.71 -16.45 11.44
CA ILE A 210 -1.05 -17.65 11.93
C ILE A 210 -0.50 -17.34 13.31
N ILE A 211 -0.98 -18.07 14.32
CA ILE A 211 -0.50 -17.85 15.66
C ILE A 211 0.20 -19.10 16.16
N CYS A 212 1.53 -19.03 16.21
CA CYS A 212 2.33 -20.12 16.77
C CYS A 212 1.88 -20.41 18.18
N LYS A 213 1.67 -21.68 18.50
CA LYS A 213 1.24 -22.06 19.84
C LYS A 213 2.40 -21.95 20.85
N GLU A 214 3.62 -21.95 20.36
CA GLU A 214 4.79 -21.86 21.21
C GLU A 214 5.22 -20.40 21.38
N SER A 215 5.58 -20.03 22.62
CA SER A 215 6.10 -18.68 22.89
C SER A 215 7.57 -18.63 22.55
N ILE A 216 8.12 -17.42 22.45
CA ILE A 216 9.56 -17.26 22.50
C ILE A 216 9.88 -16.37 23.71
N SER A 217 11.14 -16.43 24.17
CA SER A 217 11.54 -15.63 25.32
C SER A 217 12.05 -14.23 24.93
N VAL A 218 11.65 -13.25 25.74
CA VAL A 218 12.25 -11.92 25.73
C VAL A 218 12.55 -11.55 27.19
N SER A 219 13.64 -10.82 27.40
CA SER A 219 14.00 -10.44 28.77
C SER A 219 13.39 -9.08 29.10
N SER A 220 13.21 -8.82 30.40
CA SER A 220 12.64 -7.57 30.89
C SER A 220 13.40 -6.34 30.37
N GLU A 221 14.71 -6.50 30.18
CA GLU A 221 15.54 -5.40 29.70
C GLU A 221 15.33 -5.18 28.21
N GLN A 222 15.23 -6.27 27.46
CA GLN A 222 14.97 -6.20 26.02
C GLN A 222 13.66 -5.44 25.75
N LEU A 223 12.64 -5.67 26.58
CA LEU A 223 11.39 -4.91 26.51
C LEU A 223 11.62 -3.41 26.74
N ALA A 224 12.57 -3.08 27.63
CA ALA A 224 12.90 -1.69 27.91
C ALA A 224 13.52 -1.06 26.67
N GLN A 225 14.43 -1.77 26.00
CA GLN A 225 14.97 -1.30 24.72
C GLN A 225 13.85 -0.94 23.73
N PHE A 226 12.71 -1.62 23.81
CA PHE A 226 11.57 -1.28 22.96
C PHE A 226 11.01 0.10 23.30
N ARG A 227 11.05 0.47 24.57
CA ARG A 227 10.46 1.72 25.01
C ARG A 227 11.50 2.85 25.09
N SER A 228 12.70 2.58 24.57
CA SER A 228 13.74 3.60 24.48
C SER A 228 13.62 4.23 23.11
N LEU A 229 12.66 3.71 22.35
CA LEU A 229 12.30 4.27 21.06
C LEU A 229 11.37 5.47 21.24
N LEU A 230 11.49 6.42 20.33
CA LEU A 230 10.81 7.70 20.48
C LEU A 230 9.74 7.97 19.43
N SER A 231 8.55 8.32 19.94
CA SER A 231 7.36 8.66 19.17
C SER A 231 7.58 9.90 18.36
N ASN A 232 8.57 10.70 18.78
CA ASN A 232 8.77 12.05 18.26
C ASN A 232 9.86 12.13 17.21
N VAL A 233 9.97 13.32 16.63
CA VAL A 233 10.90 13.59 15.56
C VAL A 233 12.12 14.28 16.17
N GLU A 234 13.28 14.17 15.51
CA GLU A 234 14.53 14.70 16.04
C GLU A 234 14.47 16.18 16.40
N GLY A 235 15.15 16.56 17.49
CA GLY A 235 15.18 17.94 17.94
C GLY A 235 14.00 18.28 18.83
N ASP A 236 12.86 17.65 18.55
CA ASP A 236 11.69 17.73 19.41
C ASP A 236 12.04 17.04 20.72
N ASN A 237 11.12 17.06 21.68
CA ASN A 237 11.36 16.45 22.99
C ASN A 237 11.69 14.97 22.90
N ALA A 238 11.52 14.29 24.03
CA ALA A 238 11.55 12.84 24.05
C ALA A 238 10.21 12.33 24.56
N VAL A 239 9.47 11.67 23.68
CA VAL A 239 8.34 10.87 24.11
C VAL A 239 8.54 9.43 23.64
N PRO A 240 8.74 8.52 24.60
CA PRO A 240 9.14 7.13 24.34
C PRO A 240 7.94 6.27 23.95
N MET A 241 8.18 5.27 23.10
CA MET A 241 7.15 4.29 22.72
C MET A 241 6.86 3.31 23.85
N GLN A 242 5.79 3.57 24.60
CA GLN A 242 5.49 2.84 25.81
C GLN A 242 4.67 1.57 25.55
N HIS A 243 3.64 1.70 24.73
CA HIS A 243 2.82 0.57 24.32
C HIS A 243 2.37 0.76 22.88
N ASN A 244 2.02 -0.33 22.22
CA ASN A 244 1.46 -0.25 20.89
C ASN A 244 0.66 -1.51 20.57
N ASN A 245 -0.11 -1.97 21.55
CA ASN A 245 -0.93 -3.16 21.37
C ASN A 245 -2.41 -2.81 21.42
N ARG A 246 -3.20 -3.45 20.56
CA ARG A 246 -4.64 -3.29 20.60
C ARG A 246 -5.27 -4.31 21.56
N PRO A 247 -6.34 -3.89 22.25
CA PRO A 247 -7.18 -4.79 23.04
C PRO A 247 -7.76 -5.89 22.16
N THR A 248 -8.04 -7.07 22.74
CA THR A 248 -8.66 -8.15 21.97
C THR A 248 -10.05 -7.74 21.46
N GLN A 249 -10.46 -8.31 20.33
CA GLN A 249 -11.73 -7.98 19.73
C GLN A 249 -12.69 -9.17 19.73
N PRO A 250 -14.00 -8.88 19.66
CA PRO A 250 -15.09 -9.86 19.55
C PRO A 250 -14.88 -10.77 18.35
N LEU A 251 -15.02 -12.08 18.56
CA LEU A 251 -14.84 -13.04 17.48
C LEU A 251 -15.96 -12.96 16.46
N LYS A 252 -17.17 -12.69 16.96
CA LYS A 252 -18.37 -12.55 16.13
C LYS A 252 -18.59 -13.77 15.26
N GLY A 253 -18.54 -14.95 15.90
CA GLY A 253 -18.82 -16.22 15.25
C GLY A 253 -17.71 -16.83 14.41
N ARG A 254 -16.55 -16.17 14.34
CA ARG A 254 -15.40 -16.71 13.62
C ARG A 254 -14.89 -18.03 14.22
N THR A 255 -14.31 -18.88 13.37
CA THR A 255 -13.76 -20.14 13.87
C THR A 255 -12.22 -20.16 13.93
N VAL A 256 -11.68 -20.44 15.11
CA VAL A 256 -10.23 -20.55 15.25
C VAL A 256 -9.79 -22.00 15.12
N ARG A 257 -9.03 -22.30 14.06
CA ARG A 257 -8.56 -23.66 13.79
C ARG A 257 -7.18 -23.97 14.40
N ALA A 258 -7.03 -25.17 14.96
CA ALA A 258 -5.71 -25.60 15.43
C ALA A 258 -5.11 -26.54 14.41
N SER A 259 -3.79 -26.65 14.40
CA SER A 259 -3.12 -27.56 13.48
C SER A 259 -2.77 -28.85 14.24
N PHE A 260 -3.36 -29.01 15.41
CA PHE A 260 -3.02 -30.07 16.33
C PHE A 260 -4.18 -30.40 17.29
N TRP B 5 -14.09 -2.09 -2.83
CA TRP B 5 -14.42 -0.81 -3.45
C TRP B 5 -14.49 -0.91 -4.98
N GLY B 6 -15.13 0.08 -5.62
CA GLY B 6 -15.21 0.16 -7.07
C GLY B 6 -15.85 1.43 -7.61
N TYR B 7 -16.23 1.41 -8.88
CA TYR B 7 -16.87 2.56 -9.51
C TYR B 7 -18.36 2.34 -9.77
N ASP B 8 -18.87 1.19 -9.35
CA ASP B 8 -20.30 0.91 -9.40
C ASP B 8 -21.06 1.74 -8.37
N ASP B 9 -22.37 1.83 -8.52
CA ASP B 9 -23.20 2.66 -7.64
C ASP B 9 -23.27 2.18 -6.20
N LYS B 10 -22.92 0.91 -5.99
CA LYS B 10 -23.04 0.31 -4.66
C LYS B 10 -21.71 0.22 -3.90
N ASN B 11 -20.65 0.73 -4.52
CA ASN B 11 -19.29 0.65 -3.97
C ASN B 11 -18.42 1.78 -4.52
N GLY B 12 -19.06 2.79 -5.10
CA GLY B 12 -18.36 3.85 -5.80
C GLY B 12 -17.77 4.98 -4.97
N PRO B 13 -17.36 6.06 -5.64
CA PRO B 13 -16.76 7.25 -5.01
C PRO B 13 -17.59 7.74 -3.83
N GLU B 14 -18.90 7.56 -3.91
CA GLU B 14 -19.84 8.06 -2.90
C GLU B 14 -19.83 7.23 -1.61
N GLN B 15 -19.44 5.96 -1.71
CA GLN B 15 -19.40 5.06 -0.56
C GLN B 15 -17.96 4.87 -0.08
N TRP B 16 -17.04 5.65 -0.63
CA TRP B 16 -15.62 5.46 -0.36
C TRP B 16 -15.26 5.97 1.03
N SER B 17 -15.95 7.04 1.43
CA SER B 17 -15.72 7.69 2.70
C SER B 17 -15.80 6.75 3.93
N LYS B 18 -15.76 5.43 3.68
CA LYS B 18 -16.03 4.36 4.68
C LYS B 18 -14.88 3.54 5.29
N LEU B 19 -14.34 2.61 4.51
CA LEU B 19 -13.03 2.08 4.86
C LEU B 19 -12.12 3.25 4.63
N TYR B 20 -12.56 4.19 3.77
CA TYR B 20 -11.67 5.31 3.55
C TYR B 20 -12.20 6.71 3.90
N PRO B 21 -11.96 7.10 5.16
CA PRO B 21 -12.55 8.36 5.65
C PRO B 21 -11.79 9.59 5.11
N ILE B 22 -10.56 9.38 4.64
CA ILE B 22 -9.75 10.47 4.11
C ILE B 22 -10.38 11.11 2.86
N ALA B 23 -11.28 10.37 2.21
CA ALA B 23 -11.92 10.84 0.97
C ALA B 23 -12.64 12.19 1.18
N ASN B 24 -12.87 12.53 2.44
CA ASN B 24 -13.43 13.84 2.79
C ASN B 24 -12.34 14.69 3.46
N GLY B 25 -11.09 14.30 3.18
CA GLY B 25 -9.93 15.03 3.61
C GLY B 25 -9.76 16.39 2.94
N ASN B 26 -8.55 16.95 3.06
CA ASN B 26 -8.29 18.31 2.58
C ASN B 26 -7.44 18.39 1.31
N ASN B 27 -7.00 17.24 0.81
CA ASN B 27 -6.04 17.19 -0.27
C ASN B 27 -6.44 16.18 -1.33
N GLN B 28 -7.72 16.20 -1.69
CA GLN B 28 -8.25 15.18 -2.59
C GLN B 28 -8.08 15.56 -4.07
N SER B 29 -7.69 14.57 -4.87
CA SER B 29 -7.67 14.71 -6.31
C SER B 29 -8.71 13.74 -6.87
N PRO B 30 -9.19 14.00 -8.10
CA PRO B 30 -8.84 15.11 -8.98
C PRO B 30 -9.53 16.40 -8.56
N VAL B 31 -9.19 17.51 -9.22
CA VAL B 31 -9.83 18.80 -8.95
C VAL B 31 -10.07 19.54 -10.25
N ASP B 32 -10.92 20.58 -10.21
CA ASP B 32 -11.07 21.50 -11.34
C ASP B 32 -10.02 22.62 -11.26
N ILE B 33 -9.25 22.78 -12.34
CA ILE B 33 -8.26 23.85 -12.41
C ILE B 33 -8.93 25.08 -13.02
N LYS B 34 -9.13 26.11 -12.19
CA LYS B 34 -9.68 27.38 -12.67
C LYS B 34 -8.47 28.25 -13.03
N THR B 35 -8.34 28.56 -14.32
CA THR B 35 -7.15 29.23 -14.83
C THR B 35 -6.99 30.69 -14.39
N SER B 36 -8.10 31.42 -14.31
CA SER B 36 -8.07 32.80 -13.83
C SER B 36 -7.43 32.87 -12.44
N GLU B 37 -7.31 31.71 -11.79
CA GLU B 37 -6.93 31.67 -10.39
C GLU B 37 -5.61 30.93 -10.10
N THR B 38 -4.96 30.44 -11.16
CA THR B 38 -3.64 29.84 -11.03
C THR B 38 -2.56 30.88 -10.71
N LYS B 39 -1.36 30.42 -10.34
CA LYS B 39 -0.27 31.32 -9.95
C LYS B 39 1.02 30.91 -10.64
N HIS B 40 1.60 31.81 -11.43
CA HIS B 40 2.88 31.50 -12.06
C HIS B 40 3.91 31.53 -10.95
N ASP B 41 4.49 30.38 -10.66
CA ASP B 41 5.55 30.35 -9.67
C ASP B 41 6.90 30.24 -10.36
N THR B 42 7.84 31.06 -9.90
CA THR B 42 9.07 31.29 -10.62
C THR B 42 10.13 30.24 -10.33
N SER B 43 9.98 29.53 -9.20
CA SER B 43 10.91 28.49 -8.81
C SER B 43 10.67 27.18 -9.56
N LEU B 44 9.58 27.14 -10.34
CA LEU B 44 9.26 25.96 -11.14
C LEU B 44 10.19 25.83 -12.35
N LYS B 45 11.13 24.88 -12.29
CA LYS B 45 11.90 24.53 -13.46
C LYS B 45 10.96 23.74 -14.38
N PRO B 46 11.36 23.55 -15.64
CA PRO B 46 10.59 22.68 -16.53
C PRO B 46 10.59 21.28 -15.95
N ILE B 47 9.91 20.34 -16.60
CA ILE B 47 10.02 18.94 -16.20
C ILE B 47 10.81 18.13 -17.22
N SER B 48 11.76 17.35 -16.72
CA SER B 48 12.60 16.52 -17.58
C SER B 48 12.18 15.08 -17.37
N VAL B 49 11.83 14.40 -18.45
CA VAL B 49 11.54 12.96 -18.36
C VAL B 49 12.59 12.15 -19.09
N SER B 50 13.23 11.25 -18.36
CA SER B 50 14.27 10.41 -18.92
C SER B 50 13.96 8.92 -18.67
N TYR B 51 13.08 8.35 -19.49
CA TYR B 51 12.67 6.95 -19.30
C TYR B 51 13.52 6.01 -20.13
N ASN B 52 13.60 4.75 -19.68
CA ASN B 52 14.29 3.73 -20.46
C ASN B 52 13.34 2.64 -20.94
N PRO B 53 13.33 2.41 -22.26
CA PRO B 53 12.36 1.50 -22.89
C PRO B 53 12.44 0.11 -22.27
N ALA B 54 13.60 -0.22 -21.69
CA ALA B 54 13.90 -1.57 -21.26
C ALA B 54 13.53 -1.84 -19.78
N THR B 55 12.92 -0.84 -19.14
CA THR B 55 12.36 -1.01 -17.80
C THR B 55 10.91 -1.47 -17.92
N ALA B 56 10.37 -1.35 -19.13
CA ALA B 56 9.03 -1.85 -19.46
C ALA B 56 8.92 -3.34 -19.16
N LYS B 57 8.05 -3.68 -18.21
CA LYS B 57 7.97 -5.03 -17.68
C LYS B 57 6.77 -5.80 -18.23
N GLU B 58 5.58 -5.35 -17.84
CA GLU B 58 4.36 -6.10 -18.12
C GLU B 58 3.10 -5.22 -18.10
N ILE B 59 2.03 -5.70 -18.74
CA ILE B 59 0.70 -5.10 -18.62
C ILE B 59 -0.25 -6.07 -17.91
N ILE B 60 -1.12 -5.55 -17.07
CA ILE B 60 -1.94 -6.40 -16.21
C ILE B 60 -3.30 -5.76 -15.87
N ASN B 61 -4.33 -6.60 -15.80
CA ASN B 61 -5.69 -6.12 -15.63
C ASN B 61 -6.14 -6.19 -14.17
N VAL B 62 -6.32 -5.03 -13.55
CA VAL B 62 -6.63 -4.97 -12.11
C VAL B 62 -8.14 -4.80 -11.83
N GLY B 63 -8.96 -5.05 -12.85
CA GLY B 63 -10.40 -5.13 -12.66
C GLY B 63 -11.21 -3.86 -12.72
N HIS B 64 -10.63 -2.74 -12.30
CA HIS B 64 -11.30 -1.45 -12.42
C HIS B 64 -10.60 -0.67 -13.52
N SER B 65 -9.41 -1.15 -13.88
CA SER B 65 -8.57 -0.55 -14.91
C SER B 65 -7.52 -1.57 -15.29
N PHE B 66 -6.51 -1.10 -16.01
CA PHE B 66 -5.34 -1.90 -16.31
C PHE B 66 -4.13 -1.01 -16.12
N HIS B 67 -2.97 -1.64 -15.97
CA HIS B 67 -1.78 -0.95 -15.56
C HIS B 67 -0.65 -1.46 -16.39
N VAL B 68 0.21 -0.54 -16.83
CA VAL B 68 1.46 -0.92 -17.47
C VAL B 68 2.56 -0.69 -16.43
N ASN B 69 3.35 -1.71 -16.17
CA ASN B 69 4.30 -1.66 -15.06
C ASN B 69 5.77 -1.62 -15.48
N PHE B 70 6.59 -0.93 -14.68
CA PHE B 70 8.02 -0.75 -14.99
C PHE B 70 8.93 -1.20 -13.85
N GLU B 71 10.18 -1.49 -14.21
CA GLU B 71 11.17 -1.89 -13.22
C GLU B 71 11.72 -0.67 -12.49
N ASP B 72 11.69 -0.74 -11.16
CA ASP B 72 11.94 0.40 -10.30
C ASP B 72 12.92 0.10 -9.17
N ASN B 73 14.11 -0.40 -9.54
CA ASN B 73 15.12 -0.76 -8.54
C ASN B 73 16.42 0.01 -8.77
N ASP B 74 16.45 0.82 -9.82
CA ASP B 74 17.43 1.89 -9.96
C ASP B 74 16.77 3.08 -10.64
N ASN B 75 17.46 4.21 -10.65
CA ASN B 75 16.94 5.39 -11.34
C ASN B 75 17.19 5.35 -12.86
N ARG B 76 16.77 4.27 -13.50
CA ARG B 76 16.92 4.14 -14.95
C ARG B 76 15.91 5.03 -15.68
N SER B 77 14.70 5.10 -15.12
CA SER B 77 13.64 5.96 -15.63
C SER B 77 13.23 6.98 -14.57
N VAL B 78 13.58 8.24 -14.82
CA VAL B 78 13.38 9.28 -13.81
C VAL B 78 12.44 10.39 -14.24
N LEU B 79 11.75 10.94 -13.25
CA LEU B 79 11.13 12.24 -13.41
C LEU B 79 11.95 13.26 -12.63
N LYS B 80 12.57 14.18 -13.35
CA LYS B 80 13.30 15.27 -12.71
C LYS B 80 12.67 16.59 -13.16
N GLY B 81 12.88 17.64 -12.38
CA GLY B 81 12.46 18.95 -12.78
C GLY B 81 11.29 19.48 -12.00
N GLY B 82 10.58 20.44 -12.61
CA GLY B 82 9.40 21.03 -12.03
C GLY B 82 9.67 21.51 -10.61
N PRO B 83 8.73 21.22 -9.69
CA PRO B 83 8.78 21.61 -8.27
C PRO B 83 9.69 20.70 -7.43
N PHE B 84 10.35 19.74 -8.09
CA PHE B 84 11.07 18.68 -7.40
C PHE B 84 12.55 18.94 -7.27
N SER B 85 13.02 18.97 -6.03
CA SER B 85 14.44 18.94 -5.73
C SER B 85 15.00 17.57 -6.08
N ASP B 86 14.22 16.54 -5.76
CA ASP B 86 14.64 15.16 -5.96
C ASP B 86 14.23 14.55 -7.30
N SER B 87 14.90 13.46 -7.66
CA SER B 87 14.51 12.67 -8.82
C SER B 87 13.48 11.60 -8.40
N TYR B 88 12.41 11.51 -9.19
CA TYR B 88 11.36 10.51 -8.95
C TYR B 88 11.43 9.36 -9.94
N ARG B 89 11.09 8.17 -9.45
CA ARG B 89 11.27 6.96 -10.23
C ARG B 89 9.96 6.43 -10.83
N LEU B 90 9.97 6.21 -12.16
CA LEU B 90 8.81 5.67 -12.89
C LEU B 90 8.54 4.20 -12.52
N PHE B 91 7.30 3.89 -12.20
CA PHE B 91 6.96 2.51 -11.84
C PHE B 91 5.67 1.99 -12.50
N GLN B 92 4.85 2.90 -13.00
CA GLN B 92 3.57 2.53 -13.58
C GLN B 92 2.97 3.69 -14.36
N PHE B 93 2.18 3.35 -15.37
CA PHE B 93 1.25 4.30 -15.96
C PHE B 93 -0.06 3.59 -16.31
N HIS B 94 -1.12 4.37 -16.42
CA HIS B 94 -2.45 3.82 -16.63
C HIS B 94 -3.44 4.89 -17.13
N PHE B 95 -4.71 4.53 -17.27
CA PHE B 95 -5.69 5.49 -17.79
C PHE B 95 -7.00 5.60 -17.01
N HIS B 96 -7.79 6.59 -17.40
CA HIS B 96 -9.11 6.83 -16.84
C HIS B 96 -10.11 7.21 -17.92
N TRP B 97 -11.32 6.70 -17.80
CA TRP B 97 -12.32 6.95 -18.81
C TRP B 97 -13.75 6.92 -18.26
N GLY B 98 -14.72 7.20 -19.12
CA GLY B 98 -16.09 7.28 -18.67
C GLY B 98 -17.10 6.54 -19.52
N SER B 99 -18.35 6.63 -19.10
CA SER B 99 -19.48 5.98 -19.75
C SER B 99 -19.58 6.37 -21.22
N THR B 100 -19.39 7.65 -21.51
CA THR B 100 -19.38 8.14 -22.88
C THR B 100 -18.13 8.92 -23.22
N ASN B 101 -18.18 9.64 -24.34
CA ASN B 101 -17.03 10.39 -24.84
C ASN B 101 -16.84 11.77 -24.22
N GLU B 102 -17.82 12.23 -23.46
CA GLU B 102 -17.83 13.62 -23.01
C GLU B 102 -17.35 13.81 -21.58
N HIS B 103 -16.91 12.72 -20.94
CA HIS B 103 -16.40 12.79 -19.57
C HIS B 103 -15.79 11.45 -19.14
N GLY B 104 -14.52 11.24 -19.47
CA GLY B 104 -13.80 10.11 -18.92
C GLY B 104 -12.62 10.58 -18.09
N SER B 105 -12.28 11.87 -18.23
CA SER B 105 -11.16 12.44 -17.49
C SER B 105 -11.50 12.65 -16.01
N GLU B 106 -10.46 12.68 -15.17
CA GLU B 106 -10.65 12.92 -13.74
C GLU B 106 -10.56 14.43 -13.45
N HIS B 107 -9.48 15.04 -13.90
CA HIS B 107 -9.33 16.48 -13.79
C HIS B 107 -10.13 17.22 -14.85
N THR B 108 -10.73 18.32 -14.44
CA THR B 108 -11.34 19.22 -15.41
C THR B 108 -10.55 20.51 -15.35
N VAL B 109 -10.51 21.24 -16.47
CA VAL B 109 -9.92 22.58 -16.54
C VAL B 109 -11.05 23.55 -16.85
N ASP B 110 -11.32 24.51 -15.96
CA ASP B 110 -12.36 25.49 -16.24
C ASP B 110 -13.69 24.78 -16.51
N GLY B 111 -13.94 23.71 -15.75
CA GLY B 111 -15.17 22.93 -15.83
C GLY B 111 -15.32 22.06 -17.06
N VAL B 112 -14.33 22.10 -17.95
CA VAL B 112 -14.34 21.29 -19.15
C VAL B 112 -13.84 19.89 -18.84
N LYS B 113 -14.71 18.90 -19.01
CA LYS B 113 -14.37 17.50 -18.80
C LYS B 113 -13.91 16.88 -20.11
N TYR B 114 -12.85 16.07 -20.05
CA TYR B 114 -12.35 15.39 -21.25
C TYR B 114 -12.73 13.91 -21.32
N SER B 115 -12.46 13.28 -22.46
CA SER B 115 -12.90 11.91 -22.75
C SER B 115 -12.19 10.85 -21.92
N ALA B 116 -10.94 11.14 -21.56
CA ALA B 116 -10.10 10.24 -20.76
C ALA B 116 -8.93 10.98 -20.14
N GLU B 117 -8.08 10.26 -19.45
CA GLU B 117 -6.95 10.89 -18.81
C GLU B 117 -5.82 9.89 -18.64
N LEU B 118 -4.61 10.36 -18.92
CA LEU B 118 -3.40 9.55 -18.79
C LEU B 118 -2.71 9.89 -17.47
N HIS B 119 -2.35 8.85 -16.73
CA HIS B 119 -1.61 9.03 -15.48
C HIS B 119 -0.28 8.27 -15.49
N VAL B 120 0.82 8.99 -15.23
CA VAL B 120 2.17 8.42 -15.21
C VAL B 120 2.80 8.57 -13.81
N ALA B 121 2.99 7.44 -13.14
CA ALA B 121 3.30 7.47 -11.71
C ALA B 121 4.77 7.25 -11.33
N HIS B 122 5.26 8.12 -10.45
CA HIS B 122 6.61 8.01 -9.91
C HIS B 122 6.60 8.08 -8.39
N TRP B 123 7.63 7.52 -7.76
CA TRP B 123 7.78 7.62 -6.32
C TRP B 123 9.16 8.20 -5.97
N ASN B 124 9.28 8.69 -4.74
CA ASN B 124 10.51 9.37 -4.32
C ASN B 124 11.63 8.37 -4.08
N SER B 125 12.39 8.08 -5.13
CA SER B 125 13.41 7.04 -5.06
C SER B 125 14.48 7.46 -4.08
N ALA B 126 14.53 8.76 -3.80
CA ALA B 126 15.70 9.36 -3.17
C ALA B 126 15.52 9.85 -1.73
N LYS B 127 14.28 9.94 -1.25
CA LYS B 127 14.06 10.20 0.17
C LYS B 127 13.63 8.91 0.83
N TYR B 128 12.95 8.06 0.06
CA TYR B 128 12.51 6.77 0.55
C TYR B 128 13.11 5.62 -0.23
N SER B 129 13.14 4.46 0.39
CA SER B 129 13.90 3.31 -0.08
C SER B 129 13.00 2.28 -0.78
N SER B 130 11.69 2.43 -0.60
CA SER B 130 10.71 1.59 -1.27
C SER B 130 9.46 2.41 -1.57
N LEU B 131 8.65 1.90 -2.48
CA LEU B 131 7.42 2.55 -2.88
C LEU B 131 6.26 2.30 -1.90
N ALA B 132 6.38 1.29 -1.03
CA ALA B 132 5.38 1.06 0.02
C ALA B 132 5.65 2.05 1.16
N GLU B 133 6.93 2.38 1.35
CA GLU B 133 7.30 3.41 2.30
C GLU B 133 6.82 4.75 1.76
N ALA B 134 6.92 4.90 0.44
CA ALA B 134 6.68 6.19 -0.24
C ALA B 134 5.20 6.53 -0.39
N ALA B 135 4.37 5.50 -0.55
CA ALA B 135 2.92 5.65 -0.82
C ALA B 135 2.15 6.52 0.19
N SER B 136 2.52 6.42 1.47
CA SER B 136 1.79 7.13 2.52
C SER B 136 2.35 8.55 2.71
N LYS B 137 3.50 8.80 2.11
CA LYS B 137 4.25 10.05 2.28
C LYS B 137 3.74 11.22 1.40
N ALA B 138 3.51 12.37 2.02
CA ALA B 138 3.03 13.56 1.30
C ALA B 138 3.93 13.93 0.11
N ASP B 139 5.21 13.68 0.28
CA ASP B 139 6.23 14.01 -0.70
C ASP B 139 6.77 12.74 -1.38
N GLY B 140 6.03 11.63 -1.27
CA GLY B 140 6.46 10.35 -1.81
C GLY B 140 6.15 10.04 -3.27
N LEU B 141 4.98 10.47 -3.75
CA LEU B 141 4.54 10.19 -5.12
C LEU B 141 4.40 11.44 -5.97
N ALA B 142 4.62 11.27 -7.28
CA ALA B 142 4.43 12.31 -8.28
C ALA B 142 3.77 11.70 -9.53
N VAL B 143 2.57 12.20 -9.85
CA VAL B 143 1.87 11.71 -11.03
C VAL B 143 1.69 12.81 -12.08
N ILE B 144 2.03 12.48 -13.32
CA ILE B 144 1.75 13.36 -14.43
C ILE B 144 0.36 13.06 -14.99
N GLY B 145 -0.42 14.11 -15.17
CA GLY B 145 -1.76 13.97 -15.70
C GLY B 145 -1.81 14.55 -17.10
N VAL B 146 -2.29 13.75 -18.06
CA VAL B 146 -2.45 14.22 -19.41
C VAL B 146 -3.90 14.09 -19.87
N LEU B 147 -4.56 15.23 -20.10
CA LEU B 147 -5.94 15.20 -20.57
C LEU B 147 -6.04 14.53 -21.95
N MET B 148 -7.13 13.81 -22.17
CA MET B 148 -7.33 13.17 -23.46
C MET B 148 -8.55 13.68 -24.20
N LYS B 149 -8.31 14.15 -25.42
CA LYS B 149 -9.31 14.89 -26.19
C LYS B 149 -9.77 14.08 -27.38
N VAL B 150 -11.05 13.71 -27.40
CA VAL B 150 -11.58 12.85 -28.44
C VAL B 150 -11.42 13.47 -29.84
N GLY B 151 -10.64 12.78 -30.70
CA GLY B 151 -10.37 13.22 -32.06
C GLY B 151 -9.78 12.09 -32.90
N GLU B 152 -8.59 12.34 -33.45
CA GLU B 152 -7.92 11.36 -34.31
C GLU B 152 -7.43 10.17 -33.51
N ALA B 153 -7.33 9.01 -34.15
CA ALA B 153 -6.63 7.89 -33.51
C ALA B 153 -5.21 8.35 -33.15
N ASN B 154 -4.84 8.17 -31.88
CA ASN B 154 -3.46 8.34 -31.43
C ASN B 154 -2.70 7.08 -31.84
N PRO B 155 -1.63 7.25 -32.62
CA PRO B 155 -0.72 6.17 -33.01
C PRO B 155 -0.03 5.52 -31.83
N LYS B 156 0.48 6.32 -30.89
CA LYS B 156 1.27 5.76 -29.77
C LYS B 156 0.41 5.06 -28.72
N LEU B 157 -0.91 5.30 -28.77
CA LEU B 157 -1.85 4.50 -27.98
C LEU B 157 -1.85 3.05 -28.45
N GLN B 158 -1.90 2.90 -29.77
CA GLN B 158 -2.09 1.59 -30.39
C GLN B 158 -1.19 0.50 -29.81
N LYS B 159 0.10 0.81 -29.65
CA LYS B 159 1.03 -0.20 -29.17
C LYS B 159 0.65 -0.78 -27.79
N VAL B 160 -0.17 -0.04 -27.06
CA VAL B 160 -0.65 -0.45 -25.74
C VAL B 160 -2.05 -1.04 -25.89
N LEU B 161 -2.87 -0.40 -26.71
CA LEU B 161 -4.19 -0.92 -27.02
C LEU B 161 -4.14 -2.33 -27.66
N ASP B 162 -3.11 -2.58 -28.45
CA ASP B 162 -2.98 -3.86 -29.13
C ASP B 162 -2.72 -4.99 -28.12
N ALA B 163 -2.55 -4.60 -26.86
CA ALA B 163 -2.06 -5.52 -25.84
C ALA B 163 -3.11 -5.99 -24.85
N LEU B 164 -4.32 -5.46 -24.98
CA LEU B 164 -5.40 -5.76 -24.04
C LEU B 164 -6.18 -7.05 -24.37
N GLN B 165 -5.98 -7.59 -25.58
CA GLN B 165 -6.50 -8.90 -25.97
C GLN B 165 -6.02 -9.96 -24.96
N ALA B 166 -4.84 -9.69 -24.40
CA ALA B 166 -4.14 -10.65 -23.56
C ALA B 166 -4.34 -10.40 -22.07
N ILE B 167 -5.11 -9.38 -21.72
CA ILE B 167 -5.47 -9.11 -20.32
C ILE B 167 -6.93 -8.72 -20.17
N LYS B 168 -7.79 -9.44 -20.91
CA LYS B 168 -9.20 -9.12 -21.00
C LYS B 168 -9.96 -9.29 -19.69
N THR B 169 -9.58 -10.29 -18.89
CA THR B 169 -10.26 -10.52 -17.61
C THR B 169 -9.45 -10.11 -16.38
N LYS B 170 -10.17 -9.85 -15.30
CA LYS B 170 -9.59 -9.42 -14.03
C LYS B 170 -8.51 -10.35 -13.48
N GLY B 171 -7.27 -9.87 -13.48
CA GLY B 171 -6.14 -10.64 -12.96
C GLY B 171 -5.23 -11.04 -14.11
N LYS B 172 -5.81 -11.11 -15.29
CA LYS B 172 -5.05 -11.52 -16.46
C LYS B 172 -3.83 -10.61 -16.62
N ARG B 173 -2.70 -11.21 -17.00
CA ARG B 173 -1.44 -10.48 -17.02
C ARG B 173 -0.57 -10.87 -18.21
N ALA B 174 0.12 -9.90 -18.78
CA ALA B 174 0.97 -10.13 -19.95
C ALA B 174 2.26 -9.34 -19.88
N PRO B 175 3.33 -9.86 -20.49
CA PRO B 175 4.61 -9.16 -20.54
C PRO B 175 4.53 -7.98 -21.51
N PHE B 176 5.18 -6.87 -21.16
CA PHE B 176 5.11 -5.65 -21.97
C PHE B 176 6.49 -4.99 -21.98
N THR B 177 7.18 -5.09 -23.12
CA THR B 177 8.58 -4.68 -23.17
C THR B 177 8.93 -3.65 -24.26
N ASN B 178 10.05 -2.98 -24.06
CA ASN B 178 10.49 -1.90 -24.95
C ASN B 178 9.36 -0.88 -25.13
N PHE B 179 9.23 -0.01 -24.13
CA PHE B 179 8.30 1.12 -24.24
C PHE B 179 8.80 2.37 -23.55
N ASP B 180 8.81 3.47 -24.29
CA ASP B 180 9.09 4.77 -23.70
C ASP B 180 7.77 5.52 -23.55
N PRO B 181 7.22 5.52 -22.33
CA PRO B 181 5.94 6.19 -22.09
C PRO B 181 6.02 7.73 -22.27
N SER B 182 7.23 8.25 -22.38
CA SER B 182 7.40 9.66 -22.74
C SER B 182 6.76 9.93 -24.11
N THR B 183 6.68 8.89 -24.96
CA THR B 183 6.09 8.99 -26.29
C THR B 183 4.61 9.35 -26.23
N LEU B 184 4.02 9.20 -25.05
CA LEU B 184 2.61 9.49 -24.85
C LEU B 184 2.36 10.94 -24.45
N LEU B 185 3.41 11.66 -24.08
CA LEU B 185 3.29 13.04 -23.61
C LEU B 185 3.15 14.03 -24.77
N PRO B 186 2.47 15.18 -24.51
CA PRO B 186 2.28 16.28 -25.47
C PRO B 186 3.61 16.91 -25.90
N SER B 187 3.59 17.74 -26.95
CA SER B 187 4.79 18.43 -27.41
C SER B 187 5.29 19.40 -26.36
N SER B 188 4.36 20.09 -25.68
CA SER B 188 4.72 20.97 -24.58
C SER B 188 4.43 20.32 -23.23
N LEU B 189 5.37 20.47 -22.30
CA LEU B 189 5.18 19.99 -20.93
C LEU B 189 4.94 21.17 -19.99
N ASP B 190 4.45 22.27 -20.56
CA ASP B 190 3.87 23.34 -19.76
C ASP B 190 2.81 22.71 -18.90
N PHE B 191 2.79 23.04 -17.62
CA PHE B 191 1.95 22.32 -16.69
C PHE B 191 1.47 23.12 -15.48
N TRP B 192 0.52 22.55 -14.75
CA TRP B 192 0.14 23.03 -13.42
C TRP B 192 0.58 21.98 -12.44
N THR B 193 0.70 22.41 -11.19
CA THR B 193 0.94 21.50 -10.07
C THR B 193 0.15 21.99 -8.85
N TYR B 194 -0.38 21.03 -8.10
CA TYR B 194 -0.97 21.29 -6.79
C TYR B 194 -0.72 20.06 -5.95
N PRO B 195 -0.72 20.20 -4.61
CA PRO B 195 -0.63 19.06 -3.69
C PRO B 195 -1.96 18.29 -3.63
N GLY B 196 -1.91 16.95 -3.73
CA GLY B 196 -3.15 16.17 -3.80
C GLY B 196 -3.02 14.72 -3.37
N SER B 197 -4.07 13.94 -3.67
CA SER B 197 -4.11 12.53 -3.30
C SER B 197 -4.02 11.57 -4.48
N LEU B 198 -4.13 10.29 -4.17
CA LEU B 198 -4.43 9.24 -5.13
C LEU B 198 -5.94 9.34 -5.38
N THR B 199 -6.37 9.10 -6.61
CA THR B 199 -7.76 9.38 -6.99
C THR B 199 -8.77 8.24 -6.68
N HIS B 200 -8.31 6.99 -6.69
CA HIS B 200 -9.05 5.89 -6.08
C HIS B 200 -8.30 5.38 -4.83
N PRO B 201 -8.98 4.57 -3.99
CA PRO B 201 -8.38 3.92 -2.82
C PRO B 201 -7.02 3.27 -3.14
N PRO B 202 -6.07 3.33 -2.19
CA PRO B 202 -6.28 3.76 -0.80
C PRO B 202 -6.47 5.27 -0.58
N LEU B 203 -6.41 6.06 -1.65
CA LEU B 203 -6.72 7.50 -1.58
C LEU B 203 -5.67 8.36 -0.84
N TYR B 204 -4.46 7.83 -0.62
CA TYR B 204 -3.42 8.57 0.11
C TYR B 204 -3.18 10.03 -0.38
N GLU B 205 -3.33 10.99 0.53
CA GLU B 205 -3.02 12.37 0.20
C GLU B 205 -1.51 12.53 0.07
N SER B 206 -0.92 11.79 -0.89
CA SER B 206 0.53 11.70 -1.03
C SER B 206 1.05 12.03 -2.44
N VAL B 207 0.19 12.58 -3.29
CA VAL B 207 0.55 12.84 -4.70
C VAL B 207 0.81 14.33 -5.05
N THR B 208 2.03 14.61 -5.54
CA THR B 208 2.30 15.91 -6.14
C THR B 208 1.92 15.79 -7.59
N TRP B 209 0.93 16.60 -7.97
CA TRP B 209 0.33 16.49 -9.30
C TRP B 209 0.98 17.35 -10.38
N ILE B 210 1.32 16.73 -11.50
CA ILE B 210 1.72 17.47 -12.69
C ILE B 210 0.65 17.33 -13.77
N ILE B 211 0.03 18.43 -14.14
CA ILE B 211 -0.99 18.37 -15.17
C ILE B 211 -0.56 19.13 -16.40
N CYS B 212 -0.19 18.38 -17.43
CA CYS B 212 0.17 19.00 -18.69
C CYS B 212 -0.98 19.86 -19.22
N LYS B 213 -0.65 21.08 -19.65
CA LYS B 213 -1.67 21.99 -20.14
C LYS B 213 -2.13 21.58 -21.54
N GLU B 214 -1.30 20.81 -22.23
CA GLU B 214 -1.63 20.33 -23.56
C GLU B 214 -2.38 18.98 -23.52
N SER B 215 -3.42 18.84 -24.35
CA SER B 215 -4.15 17.57 -24.45
C SER B 215 -3.38 16.64 -25.36
N ILE B 216 -3.73 15.35 -25.32
CA ILE B 216 -3.38 14.45 -26.43
C ILE B 216 -4.65 13.85 -27.03
N SER B 217 -4.58 13.43 -28.28
CA SER B 217 -5.78 12.91 -28.96
C SER B 217 -5.98 11.41 -28.67
N VAL B 218 -7.25 11.03 -28.50
CA VAL B 218 -7.68 9.65 -28.53
C VAL B 218 -8.93 9.58 -29.41
N SER B 219 -9.09 8.51 -30.17
CA SER B 219 -10.26 8.40 -31.03
C SER B 219 -11.41 7.70 -30.31
N SER B 220 -12.63 7.98 -30.77
CA SER B 220 -13.83 7.40 -30.15
C SER B 220 -13.77 5.87 -30.04
N GLU B 221 -13.09 5.23 -31.00
CA GLU B 221 -12.99 3.79 -31.05
C GLU B 221 -11.96 3.31 -30.04
N GLN B 222 -10.87 4.06 -29.92
CA GLN B 222 -9.85 3.74 -28.93
C GLN B 222 -10.44 3.74 -27.52
N LEU B 223 -11.33 4.69 -27.23
CA LEU B 223 -12.06 4.68 -25.96
C LEU B 223 -12.89 3.40 -25.79
N ALA B 224 -13.43 2.89 -26.89
CA ALA B 224 -14.25 1.68 -26.84
C ALA B 224 -13.38 0.49 -26.45
N GLN B 225 -12.16 0.42 -27.02
CA GLN B 225 -11.20 -0.60 -26.63
C GLN B 225 -10.96 -0.57 -25.11
N PHE B 226 -11.07 0.61 -24.49
CA PHE B 226 -10.95 0.69 -23.02
C PHE B 226 -12.10 -0.03 -22.33
N ARG B 227 -13.27 0.00 -22.93
CA ARG B 227 -14.44 -0.58 -22.29
C ARG B 227 -14.74 -2.00 -22.78
N SER B 228 -13.80 -2.57 -23.53
CA SER B 228 -13.88 -3.97 -23.94
C SER B 228 -13.11 -4.79 -22.92
N LEU B 229 -12.58 -4.07 -21.94
CA LEU B 229 -11.94 -4.69 -20.79
C LEU B 229 -12.99 -5.12 -19.76
N LEU B 230 -12.71 -6.22 -19.08
CA LEU B 230 -13.68 -6.84 -18.19
C LEU B 230 -13.33 -6.80 -16.70
N SER B 231 -14.29 -6.30 -15.93
CA SER B 231 -14.20 -6.16 -14.48
C SER B 231 -14.15 -7.51 -13.79
N ASN B 232 -14.54 -8.53 -14.53
CA ASN B 232 -14.73 -9.87 -13.98
C ASN B 232 -13.58 -10.81 -14.27
N VAL B 233 -13.65 -11.99 -13.66
CA VAL B 233 -12.58 -12.95 -13.81
C VAL B 233 -13.02 -14.02 -14.81
N GLU B 234 -12.04 -14.69 -15.42
CA GLU B 234 -12.31 -15.65 -16.49
C GLU B 234 -13.37 -16.69 -16.15
N GLY B 235 -14.16 -17.07 -17.16
CA GLY B 235 -15.22 -18.05 -16.98
C GLY B 235 -16.48 -17.43 -16.40
N ASP B 236 -16.30 -16.43 -15.53
CA ASP B 236 -17.42 -15.66 -15.04
C ASP B 236 -18.04 -14.96 -16.25
N ASN B 237 -19.15 -14.25 -16.02
CA ASN B 237 -19.81 -13.49 -17.10
C ASN B 237 -18.89 -12.47 -17.80
N ALA B 238 -19.53 -11.51 -18.45
CA ALA B 238 -18.82 -10.37 -18.96
C ALA B 238 -19.41 -9.10 -18.33
N VAL B 239 -18.61 -8.43 -17.51
CA VAL B 239 -18.94 -7.09 -17.07
C VAL B 239 -17.81 -6.18 -17.53
N PRO B 240 -18.10 -5.27 -18.48
CA PRO B 240 -17.06 -4.43 -19.11
C PRO B 240 -16.73 -3.20 -18.27
N MET B 241 -15.47 -2.75 -18.32
CA MET B 241 -15.02 -1.54 -17.61
C MET B 241 -15.55 -0.31 -18.33
N GLN B 242 -16.62 0.25 -17.80
CA GLN B 242 -17.31 1.35 -18.46
C GLN B 242 -16.75 2.73 -18.08
N HIS B 243 -16.53 2.94 -16.79
CA HIS B 243 -15.91 4.17 -16.30
C HIS B 243 -15.00 3.83 -15.12
N ASN B 244 -14.08 4.73 -14.84
CA ASN B 244 -13.22 4.59 -13.68
C ASN B 244 -12.60 5.93 -13.29
N ASN B 245 -13.41 6.99 -13.39
CA ASN B 245 -12.95 8.34 -13.03
C ASN B 245 -13.66 8.88 -11.80
N ARG B 246 -12.90 9.51 -10.91
CA ARG B 246 -13.50 10.14 -9.74
C ARG B 246 -13.99 11.55 -10.11
N PRO B 247 -15.13 11.96 -9.51
CA PRO B 247 -15.61 13.36 -9.55
C PRO B 247 -14.54 14.32 -8.98
N THR B 248 -14.54 15.56 -9.47
CA THR B 248 -13.58 16.54 -8.94
C THR B 248 -13.84 16.80 -7.46
N GLN B 249 -12.79 17.13 -6.74
CA GLN B 249 -12.90 17.40 -5.32
C GLN B 249 -12.65 18.88 -4.95
N PRO B 250 -13.19 19.31 -3.80
CA PRO B 250 -12.97 20.63 -3.21
C PRO B 250 -11.49 20.91 -3.04
N LEU B 251 -11.05 22.11 -3.42
CA LEU B 251 -9.64 22.49 -3.33
C LEU B 251 -9.26 22.74 -1.88
N LYS B 252 -10.21 23.28 -1.12
CA LYS B 252 -10.01 23.57 0.29
C LYS B 252 -8.77 24.45 0.52
N GLY B 253 -8.67 25.55 -0.23
CA GLY B 253 -7.61 26.52 -0.05
C GLY B 253 -6.26 26.20 -0.68
N ARG B 254 -6.16 25.06 -1.34
CA ARG B 254 -4.92 24.66 -2.04
C ARG B 254 -4.58 25.62 -3.19
N THR B 255 -3.30 25.78 -3.48
CA THR B 255 -2.90 26.67 -4.58
C THR B 255 -2.39 25.91 -5.81
N VAL B 256 -3.03 26.16 -6.97
CA VAL B 256 -2.60 25.57 -8.23
C VAL B 256 -1.63 26.49 -8.99
N ARG B 257 -0.39 26.02 -9.12
CA ARG B 257 0.64 26.81 -9.78
C ARG B 257 0.75 26.47 -11.27
N ALA B 258 0.96 27.50 -12.09
CA ALA B 258 1.23 27.28 -13.50
C ALA B 258 2.73 27.47 -13.75
N SER B 259 3.24 26.82 -14.80
CA SER B 259 4.64 26.96 -15.16
C SER B 259 4.77 28.01 -16.28
N PHE B 260 3.72 28.80 -16.45
CA PHE B 260 3.65 29.73 -17.57
C PHE B 260 2.67 30.88 -17.27
C1 FLB C . 7.06 -0.08 8.18
C2 FLB C . 6.07 -0.13 7.04
C3 FLB C . 6.01 -1.36 5.00
C6 FLB C . 1.43 -2.10 4.37
C5 FLB C . 2.52 -1.61 3.66
C7 FLB C . 0.14 -1.82 3.97
C4 FLB C . 4.82 -0.97 4.16
C10 FLB C . 2.29 -0.85 2.51
C8 FLB C . -0.09 -1.06 2.84
C9 FLB C . 0.99 -0.57 2.11
O1 FLB C . 5.88 -1.34 6.37
O2 FLB C . 3.81 -1.92 4.10
F6 FLB C . 0.41 1.51 1.21
C12 FLB C . 0.76 0.26 0.88
F4 FLB C . -0.21 -0.24 0.12
F5 FLB C . 1.92 0.30 0.20
C11 FLB C . -1.02 -2.36 4.79
F3 FLB C . -1.75 -1.35 5.29
F2 FLB C . -1.77 -3.15 4.00
F1 FLB C . -0.51 -3.05 5.81
ZN ZN D . 1.53 -6.02 14.43
C1 AZM E . -0.44 -4.22 10.91
C2 AZM E . 0.19 -2.36 9.40
C3 AZM E . 2.05 -1.76 7.86
C4 AZM E . 2.68 -0.81 6.92
N1 AZM E . -0.27 -5.31 13.46
N2 AZM E . -1.06 -2.16 9.97
N3 AZM E . -1.43 -3.26 10.88
N4 AZM E . 0.81 -1.44 8.48
O1 AZM E . -1.08 -6.82 11.16
O2 AZM E . 0.76 -6.42 11.94
O3 AZM E . 2.61 -2.82 8.09
S1 AZM E . -0.54 -5.70 11.91
S2 AZM E . 0.83 -3.81 9.95
C1 FLB F . -1.53 -1.90 -11.09
C2 FLB F . -0.02 -1.73 -11.11
C3 FLB F . 1.91 -1.41 -9.68
C6 FLB F . 1.27 1.78 -6.25
C5 FLB F . 1.90 0.57 -6.55
C7 FLB F . 1.08 2.16 -4.92
C4 FLB F . 2.37 -1.11 -8.28
C10 FLB F . 2.36 -0.26 -5.55
C8 FLB F . 1.54 1.31 -3.90
C9 FLB F . 2.18 0.10 -4.22
O1 FLB F . 0.56 -1.35 -9.91
O2 FLB F . 2.09 0.19 -7.89
F6 FLB F . 1.84 -1.87 -3.01
C12 FLB F . 2.68 -0.83 -3.14
F4 FLB F . 2.78 -0.16 -1.99
F5 FLB F . 3.90 -1.29 -3.45
C11 FLB F . 0.37 3.48 -4.61
F3 FLB F . -0.35 3.85 -5.66
F2 FLB F . -0.39 3.35 -3.52
F1 FLB F . 1.27 4.44 -4.34
ZN ZN G . -5.11 7.35 -12.18
C1 AZM H . -3.76 5.97 -8.26
C2 AZM H . -2.79 3.72 -7.95
C3 AZM H . -2.23 1.38 -7.16
C4 AZM H . -1.37 0.18 -7.35
N1 AZM H . -5.63 7.63 -9.56
N2 AZM H . -3.78 3.99 -7.01
N3 AZM H . -4.38 5.32 -7.19
N4 AZM H . -2.01 2.50 -8.05
O1 AZM H . -3.11 8.55 -8.57
O2 AZM H . -3.60 7.67 -10.25
O3 AZM H . -3.09 1.41 -6.26
S1 AZM H . -4.15 7.57 -8.88
S2 AZM H . -2.61 5.01 -8.97
#